data_5CJ0
#
_entry.id   5CJ0
#
_cell.length_a   200.006
_cell.length_b   44.355
_cell.length_c   74.664
_cell.angle_alpha   90.000
_cell.angle_beta   108.190
_cell.angle_gamma   90.000
#
_symmetry.space_group_name_H-M   'C 1 2 1'
#
loop_
_entity.id
_entity.type
_entity.pdbx_description
1 polymer 'Xrcc4-MYH7-(1631-1692) chimera protein'
2 water water
#
_entity_poly.entity_id   1
_entity_poly.type   'polypeptide(L)'
_entity_poly.pdbx_seq_one_letter_code
;GGSGERKISRIHLVSEPSITHFLQVSWEKTLESGFVITLTDGHSAWTGTVSESEISQEADDMAMEKGKYVGELRKALLSG
AGPADVYTFNFSKESCYFFFEKNLKDVSFRLGSFNLEKVENPAEVIRELICYCLDTTAENQAKNEHANRMAAEAQKQVKS
LQSLLKDTQIQLDDAVRANDDLKENIAIVERRNNLLQAELEELRAVV
;
_entity_poly.pdbx_strand_id   A,B
#
# COMPACT_ATOMS: atom_id res chain seq x y z
N GLY A 4 -3.38 11.48 -15.03
CA GLY A 4 -2.56 10.41 -15.56
C GLY A 4 -1.73 9.73 -14.48
N GLU A 5 -0.59 9.19 -14.87
CA GLU A 5 0.31 8.53 -13.94
C GLU A 5 1.77 8.82 -14.28
N ARG A 6 2.65 8.55 -13.32
CA ARG A 6 4.05 8.89 -13.45
C ARG A 6 4.97 7.93 -12.70
N LYS A 7 6.22 7.87 -13.11
CA LYS A 7 7.23 7.11 -12.37
C LYS A 7 8.52 7.91 -12.25
N ILE A 8 9.01 8.04 -11.02
CA ILE A 8 10.23 8.79 -10.74
C ILE A 8 11.34 7.85 -10.33
N SER A 9 12.46 7.89 -11.05
CA SER A 9 13.56 6.95 -10.83
C SER A 9 14.92 7.62 -10.66
N ARG A 10 15.79 6.95 -9.92
CA ARG A 10 17.19 7.34 -9.84
C ARG A 10 17.86 6.91 -11.13
N ILE A 11 18.65 7.79 -11.72
CA ILE A 11 19.35 7.43 -12.94
C ILE A 11 20.82 7.84 -12.83
N HIS A 12 21.68 7.09 -13.49
CA HIS A 12 23.10 7.42 -13.51
C HIS A 12 23.50 7.83 -14.91
N LEU A 13 23.98 9.06 -15.04
CA LEU A 13 24.46 9.55 -16.32
C LEU A 13 25.96 9.30 -16.44
N VAL A 14 26.37 8.66 -17.53
CA VAL A 14 27.78 8.42 -17.79
C VAL A 14 28.52 9.75 -17.89
N SER A 15 27.85 10.75 -18.44
CA SER A 15 28.44 12.07 -18.64
C SER A 15 28.60 12.83 -17.33
N GLU A 16 27.72 12.56 -16.36
CA GLU A 16 27.84 13.19 -15.04
C GLU A 16 27.75 12.12 -13.95
N PRO A 17 28.82 11.32 -13.82
CA PRO A 17 28.87 10.05 -13.07
C PRO A 17 28.92 10.15 -11.53
N SER A 18 29.28 11.30 -10.96
CA SER A 18 29.54 11.32 -9.53
C SER A 18 28.33 11.64 -8.66
N ILE A 19 27.26 12.13 -9.28
CA ILE A 19 26.03 12.45 -8.56
C ILE A 19 24.84 11.64 -9.10
N THR A 20 23.86 11.40 -8.24
CA THR A 20 22.61 10.75 -8.67
C THR A 20 21.72 11.77 -9.38
N HIS A 21 21.18 11.39 -10.54
CA HIS A 21 20.18 12.21 -11.22
C HIS A 21 18.80 11.55 -11.11
N PHE A 22 17.76 12.32 -11.40
CA PHE A 22 16.41 11.80 -11.30
C PHE A 22 15.62 11.93 -12.61
N LEU A 23 14.98 10.84 -13.02
CA LEU A 23 14.18 10.81 -14.23
C LEU A 23 12.69 10.65 -13.93
N GLN A 24 11.90 11.66 -14.31
CA GLN A 24 10.45 11.60 -14.11
C GLN A 24 9.70 11.42 -15.43
N VAL A 25 9.05 10.28 -15.58
CA VAL A 25 8.27 10.00 -16.79
C VAL A 25 6.78 9.92 -16.48
N SER A 26 5.98 10.71 -17.19
CA SER A 26 4.53 10.75 -16.98
C SER A 26 3.73 10.48 -18.26
N TRP A 27 2.62 9.77 -18.13
CA TRP A 27 1.80 9.39 -19.28
C TRP A 27 0.33 9.24 -18.89
N GLU A 28 -0.55 9.38 -19.88
CA GLU A 28 -1.99 9.36 -19.63
C GLU A 28 -2.55 7.98 -19.26
N LYS A 29 -2.57 7.08 -20.23
CA LYS A 29 -3.14 5.75 -20.03
C LYS A 29 -2.09 4.67 -20.28
N THR A 30 -1.33 4.86 -21.35
CA THR A 30 -0.21 3.97 -21.67
C THR A 30 0.99 4.79 -22.13
N LEU A 31 2.16 4.18 -22.06
CA LEU A 31 3.38 4.82 -22.52
C LEU A 31 3.35 5.02 -24.03
N GLU A 32 2.65 4.12 -24.70
CA GLU A 32 2.55 4.12 -26.16
C GLU A 32 1.84 5.37 -26.68
N SER A 33 0.92 5.90 -25.87
CA SER A 33 0.18 7.11 -26.23
C SER A 33 1.09 8.33 -26.33
N GLY A 34 2.27 8.21 -25.75
CA GLY A 34 3.20 9.32 -25.64
C GLY A 34 3.44 9.65 -24.18
N PHE A 35 4.51 10.37 -23.90
CA PHE A 35 4.86 10.68 -22.51
C PHE A 35 5.72 11.93 -22.38
N VAL A 36 5.67 12.53 -21.19
CA VAL A 36 6.56 13.63 -20.85
C VAL A 36 7.72 13.07 -20.03
N ILE A 37 8.94 13.45 -20.40
CA ILE A 37 10.12 12.96 -19.70
C ILE A 37 10.97 14.12 -19.19
N THR A 38 11.23 14.11 -17.88
CA THR A 38 11.99 15.17 -17.24
C THR A 38 13.25 14.65 -16.54
N LEU A 39 14.33 15.40 -16.67
CA LEU A 39 15.60 15.06 -16.02
C LEU A 39 16.01 16.21 -15.12
N THR A 40 16.44 15.89 -13.90
CA THR A 40 16.87 16.93 -12.97
C THR A 40 18.02 16.48 -12.08
N ASP A 41 18.83 17.44 -11.64
CA ASP A 41 19.95 17.18 -10.73
C ASP A 41 19.75 17.87 -9.39
N GLY A 42 18.51 18.29 -9.11
CA GLY A 42 18.20 18.98 -7.87
C GLY A 42 18.47 20.46 -7.94
N HIS A 43 18.87 20.93 -9.12
CA HIS A 43 19.14 22.34 -9.35
C HIS A 43 18.51 22.81 -10.66
N SER A 44 18.91 22.18 -11.75
CA SER A 44 18.33 22.47 -13.05
C SER A 44 17.36 21.36 -13.44
N ALA A 45 16.62 21.56 -14.51
CA ALA A 45 15.70 20.55 -15.00
C ALA A 45 15.53 20.65 -16.51
N TRP A 46 15.53 19.49 -17.16
CA TRP A 46 15.34 19.42 -18.60
C TRP A 46 14.09 18.58 -18.90
N THR A 47 13.25 19.10 -19.78
CA THR A 47 11.97 18.44 -20.07
C THR A 47 11.74 18.33 -21.57
N GLY A 48 11.23 17.18 -22.00
CA GLY A 48 10.89 16.96 -23.39
C GLY A 48 9.62 16.15 -23.50
N THR A 49 8.93 16.26 -24.63
CA THR A 49 7.72 15.51 -24.85
C THR A 49 7.90 14.55 -26.03
N VAL A 50 7.52 13.30 -25.83
CA VAL A 50 7.62 12.31 -26.89
C VAL A 50 6.23 11.89 -27.33
N SER A 51 5.94 12.06 -28.61
CA SER A 51 4.60 11.82 -29.13
C SER A 51 4.44 10.37 -29.59
N GLU A 52 3.18 9.96 -29.75
CA GLU A 52 2.83 8.66 -30.31
C GLU A 52 3.58 8.37 -31.60
N SER A 53 3.57 9.33 -32.51
CA SER A 53 4.22 9.17 -33.82
C SER A 53 5.74 9.07 -33.68
N GLU A 54 6.30 9.84 -32.75
CA GLU A 54 7.74 9.83 -32.51
C GLU A 54 8.18 8.47 -31.96
N ILE A 55 7.32 7.85 -31.15
CA ILE A 55 7.58 6.52 -30.64
C ILE A 55 7.61 5.52 -31.79
N SER A 56 6.61 5.62 -32.68
CA SER A 56 6.54 4.81 -33.89
C SER A 56 7.81 4.99 -34.73
N GLN A 57 8.21 6.24 -34.89
CA GLN A 57 9.40 6.60 -35.66
C GLN A 57 10.65 5.91 -35.10
N GLU A 58 10.88 6.08 -33.81
CA GLU A 58 12.02 5.45 -33.14
C GLU A 58 11.97 3.93 -33.21
N ALA A 59 10.78 3.36 -33.18
CA ALA A 59 10.60 1.91 -33.22
C ALA A 59 10.99 1.31 -34.57
N ASP A 60 10.62 1.99 -35.64
CA ASP A 60 10.90 1.50 -36.99
C ASP A 60 12.34 1.81 -37.42
N ASP A 61 12.96 2.82 -36.80
CA ASP A 61 14.35 3.12 -37.10
C ASP A 61 15.26 1.97 -36.67
N MET A 62 14.76 1.16 -35.75
CA MET A 62 15.49 0.04 -35.19
C MET A 62 15.00 -1.29 -35.75
N ALA A 63 14.00 -1.19 -36.62
CA ALA A 63 13.35 -2.34 -37.27
C ALA A 63 12.85 -3.38 -36.25
N MET A 64 12.42 -2.90 -35.09
CA MET A 64 11.84 -3.77 -34.07
C MET A 64 10.36 -3.43 -33.94
N GLU A 65 9.55 -4.42 -33.59
CA GLU A 65 8.10 -4.22 -33.49
C GLU A 65 7.78 -3.18 -32.41
N LYS A 66 6.82 -2.32 -32.72
CA LYS A 66 6.47 -1.17 -31.88
C LYS A 66 6.17 -1.55 -30.43
N GLY A 67 5.31 -2.55 -30.25
CA GLY A 67 4.91 -3.00 -28.92
C GLY A 67 6.08 -3.45 -28.06
N LYS A 68 6.99 -4.21 -28.65
CA LYS A 68 8.17 -4.68 -27.94
C LYS A 68 9.07 -3.50 -27.57
N TYR A 69 9.15 -2.53 -28.46
CA TYR A 69 9.94 -1.32 -28.22
C TYR A 69 9.39 -0.51 -27.05
N VAL A 70 8.06 -0.47 -26.96
CA VAL A 70 7.40 0.21 -25.85
C VAL A 70 7.73 -0.52 -24.55
N GLY A 71 7.81 -1.85 -24.63
CA GLY A 71 8.20 -2.67 -23.51
C GLY A 71 9.61 -2.34 -23.05
N GLU A 72 10.51 -2.16 -24.02
CA GLU A 72 11.88 -1.76 -23.73
C GLU A 72 11.93 -0.39 -23.07
N LEU A 73 11.07 0.51 -23.54
CA LEU A 73 10.95 1.84 -22.96
C LEU A 73 10.50 1.75 -21.51
N ARG A 74 9.59 0.82 -21.23
CA ARG A 74 9.11 0.60 -19.88
C ARG A 74 10.24 0.11 -18.97
N LYS A 75 10.99 -0.87 -19.44
CA LYS A 75 12.08 -1.45 -18.65
C LYS A 75 13.21 -0.46 -18.40
N ALA A 76 13.48 0.39 -19.39
CA ALA A 76 14.61 1.32 -19.32
C ALA A 76 14.29 2.61 -18.56
N LEU A 77 13.07 3.11 -18.75
CA LEU A 77 12.71 4.44 -18.25
C LEU A 77 11.82 4.41 -17.01
N LEU A 78 11.12 3.31 -16.79
CA LEU A 78 10.11 3.26 -15.73
C LEU A 78 10.54 2.41 -14.55
N SER A 79 11.63 1.67 -14.69
CA SER A 79 12.10 0.79 -13.63
C SER A 79 13.39 1.29 -13.01
N GLY A 80 13.90 0.56 -12.02
CA GLY A 80 15.16 0.91 -11.39
C GLY A 80 16.31 0.14 -11.99
N ALA A 81 17.32 0.86 -12.45
CA ALA A 81 18.49 0.24 -13.06
C ALA A 81 19.27 -0.58 -12.04
N GLY A 82 19.30 -1.90 -12.23
CA GLY A 82 19.97 -2.78 -11.31
C GLY A 82 21.41 -3.08 -11.70
N PRO A 83 22.10 -3.91 -10.90
CA PRO A 83 23.49 -4.32 -11.12
C PRO A 83 23.73 -4.97 -12.48
N ALA A 84 22.65 -5.36 -13.16
CA ALA A 84 22.77 -6.02 -14.45
C ALA A 84 23.30 -5.08 -15.53
N ASP A 85 23.11 -3.78 -15.32
CA ASP A 85 23.60 -2.76 -16.25
C ASP A 85 23.09 -3.00 -17.67
N VAL A 86 21.85 -3.47 -17.77
CA VAL A 86 21.22 -3.71 -19.06
C VAL A 86 21.11 -2.41 -19.87
N TYR A 87 20.83 -1.30 -19.19
CA TYR A 87 20.71 -0.02 -19.86
C TYR A 87 21.76 0.99 -19.40
N THR A 88 22.18 1.85 -20.32
CA THR A 88 23.18 2.87 -20.03
C THR A 88 22.62 4.23 -20.45
N PHE A 89 22.85 5.25 -19.63
CA PHE A 89 22.23 6.55 -19.87
C PHE A 89 23.22 7.70 -20.04
N ASN A 90 22.95 8.53 -21.04
CA ASN A 90 23.79 9.68 -21.35
C ASN A 90 22.98 10.95 -21.60
N PHE A 91 23.52 12.09 -21.21
CA PHE A 91 22.86 13.37 -21.48
C PHE A 91 23.89 14.45 -21.78
N SER A 92 23.73 15.09 -22.94
CA SER A 92 24.56 16.24 -23.29
C SER A 92 23.83 17.53 -22.91
N LYS A 93 24.44 18.31 -22.02
CA LYS A 93 23.84 19.55 -21.55
C LYS A 93 23.93 20.65 -22.60
N GLU A 94 24.80 20.45 -23.57
CA GLU A 94 24.99 21.42 -24.65
C GLU A 94 23.86 21.32 -25.66
N SER A 95 23.66 20.12 -26.18
CA SER A 95 22.62 19.88 -27.17
C SER A 95 21.28 19.56 -26.51
N CYS A 96 21.31 19.40 -25.18
CA CYS A 96 20.14 19.03 -24.41
C CYS A 96 19.52 17.74 -24.94
N TYR A 97 20.37 16.83 -25.38
CA TYR A 97 19.93 15.60 -26.00
C TYR A 97 20.13 14.41 -25.05
N PHE A 98 19.06 13.66 -24.83
CA PHE A 98 19.08 12.52 -23.90
C PHE A 98 18.99 11.22 -24.68
N PHE A 99 20.03 10.42 -24.58
CA PHE A 99 20.06 9.12 -25.25
C PHE A 99 20.55 7.98 -24.35
N PHE A 100 20.02 6.79 -24.61
CA PHE A 100 20.29 5.61 -23.79
C PHE A 100 20.43 4.33 -24.62
N GLU A 101 21.32 3.44 -24.17
CA GLU A 101 21.59 2.22 -24.91
C GLU A 101 21.16 0.98 -24.13
N LYS A 102 20.88 -0.10 -24.84
CA LYS A 102 20.68 -1.40 -24.21
C LYS A 102 21.95 -2.22 -24.33
N ASN A 103 22.36 -2.83 -23.23
CA ASN A 103 23.59 -3.61 -23.24
C ASN A 103 23.34 -5.10 -23.22
N LEU A 104 23.94 -5.79 -24.19
CA LEU A 104 23.85 -7.24 -24.28
C LEU A 104 25.25 -7.80 -24.14
N LYS A 105 25.40 -9.12 -24.21
CA LYS A 105 26.71 -9.72 -24.25
C LYS A 105 27.39 -9.41 -25.58
N ASP A 106 28.56 -8.79 -25.49
CA ASP A 106 29.42 -8.50 -26.64
C ASP A 106 28.86 -7.46 -27.61
N VAL A 107 27.81 -6.75 -27.23
CA VAL A 107 27.27 -5.69 -28.07
C VAL A 107 26.29 -4.75 -27.35
N SER A 108 26.27 -3.49 -27.78
CA SER A 108 25.32 -2.51 -27.28
C SER A 108 24.84 -1.64 -28.43
N PHE A 109 23.56 -1.28 -28.39
CA PHE A 109 22.96 -0.46 -29.44
C PHE A 109 22.11 0.64 -28.83
N ARG A 110 22.00 1.76 -29.52
CA ARG A 110 21.19 2.86 -29.03
C ARG A 110 19.72 2.48 -29.05
N LEU A 111 19.07 2.53 -27.89
CA LEU A 111 17.69 2.11 -27.77
C LEU A 111 16.74 3.28 -27.98
N GLY A 112 17.17 4.47 -27.57
CA GLY A 112 16.36 5.65 -27.74
C GLY A 112 17.13 6.94 -27.55
N SER A 113 16.54 8.03 -28.02
CA SER A 113 17.13 9.35 -27.87
C SER A 113 16.05 10.42 -28.04
N PHE A 114 16.08 11.44 -27.19
CA PHE A 114 15.10 12.53 -27.26
C PHE A 114 15.72 13.84 -26.80
N ASN A 115 15.13 14.95 -27.25
CA ASN A 115 15.60 16.26 -26.83
C ASN A 115 14.85 16.76 -25.61
N LEU A 116 15.59 17.22 -24.61
CA LEU A 116 14.98 17.75 -23.40
C LEU A 116 15.40 19.20 -23.22
N GLU A 117 14.44 20.09 -23.44
CA GLU A 117 14.65 21.52 -23.33
C GLU A 117 14.84 21.91 -21.86
N LYS A 118 15.88 22.69 -21.57
CA LYS A 118 16.13 23.18 -20.21
C LYS A 118 15.00 24.12 -19.81
N VAL A 119 14.35 23.80 -18.68
CA VAL A 119 13.22 24.60 -18.23
C VAL A 119 13.68 25.88 -17.54
N GLU A 120 12.83 26.90 -17.59
CA GLU A 120 13.12 28.20 -17.00
C GLU A 120 12.74 28.21 -15.52
N ASN A 121 11.96 27.22 -15.12
CA ASN A 121 11.48 27.10 -13.74
C ASN A 121 11.80 25.76 -13.07
N PRO A 122 13.10 25.46 -12.89
CA PRO A 122 13.47 24.15 -12.36
C PRO A 122 12.97 23.92 -10.93
N ALA A 123 12.95 24.98 -10.12
CA ALA A 123 12.54 24.87 -8.72
C ALA A 123 11.08 24.44 -8.60
N GLU A 124 10.24 24.95 -9.50
CA GLU A 124 8.82 24.62 -9.51
C GLU A 124 8.63 23.15 -9.84
N VAL A 125 9.36 22.67 -10.83
CA VAL A 125 9.34 21.26 -11.21
C VAL A 125 9.79 20.37 -10.06
N ILE A 126 10.89 20.75 -9.42
CA ILE A 126 11.44 19.99 -8.30
C ILE A 126 10.46 19.95 -7.13
N ARG A 127 9.86 21.09 -6.81
CA ARG A 127 8.87 21.17 -5.74
C ARG A 127 7.67 20.27 -6.01
N GLU A 128 7.20 20.28 -7.25
CA GLU A 128 6.06 19.46 -7.65
C GLU A 128 6.40 17.99 -7.53
N LEU A 129 7.62 17.64 -7.91
CA LEU A 129 8.09 16.26 -7.83
C LEU A 129 8.11 15.77 -6.38
N ILE A 130 8.70 16.56 -5.50
CA ILE A 130 8.76 16.23 -4.08
C ILE A 130 7.35 16.13 -3.48
N CYS A 131 6.50 17.09 -3.84
CA CYS A 131 5.10 17.09 -3.40
C CYS A 131 4.38 15.81 -3.80
N TYR A 132 4.61 15.36 -5.03
CA TYR A 132 4.04 14.10 -5.50
C TYR A 132 4.44 12.94 -4.61
N CYS A 133 5.72 12.85 -4.30
CA CYS A 133 6.24 11.80 -3.44
C CYS A 133 5.60 11.83 -2.06
N LEU A 134 5.48 13.02 -1.50
CA LEU A 134 4.85 13.22 -0.20
C LEU A 134 3.37 12.81 -0.21
N ASP A 135 2.65 13.27 -1.22
CA ASP A 135 1.23 12.94 -1.37
C ASP A 135 0.99 11.45 -1.54
N THR A 136 1.79 10.82 -2.40
CA THR A 136 1.64 9.40 -2.68
C THR A 136 1.91 8.57 -1.42
N THR A 137 2.94 8.94 -0.68
CA THR A 137 3.25 8.31 0.60
C THR A 137 2.06 8.40 1.57
N ALA A 138 1.51 9.61 1.70
CA ALA A 138 0.34 9.84 2.55
C ALA A 138 -0.84 8.97 2.13
N GLU A 139 -1.16 8.99 0.85
CA GLU A 139 -2.27 8.22 0.31
C GLU A 139 -2.13 6.73 0.60
N ASN A 140 -0.95 6.19 0.36
CA ASN A 140 -0.69 4.78 0.59
C ASN A 140 -0.72 4.42 2.07
N GLN A 141 -0.34 5.37 2.93
CA GLN A 141 -0.38 5.15 4.37
C GLN A 141 -1.82 5.03 4.87
N ALA A 142 -2.70 5.91 4.39
CA ALA A 142 -4.11 5.86 4.74
C ALA A 142 -4.75 4.56 4.25
N LYS A 143 -4.50 4.23 2.99
CA LYS A 143 -5.02 3.02 2.38
C LYS A 143 -4.48 1.79 3.11
N ASN A 144 -3.24 1.86 3.57
CA ASN A 144 -2.63 0.76 4.31
C ASN A 144 -3.37 0.50 5.62
N GLU A 145 -3.72 1.56 6.35
CA GLU A 145 -4.49 1.42 7.58
C GLU A 145 -5.84 0.76 7.36
N HIS A 146 -6.58 1.24 6.36
CA HIS A 146 -7.88 0.69 6.03
C HIS A 146 -7.78 -0.79 5.68
N ALA A 147 -6.80 -1.12 4.84
CA ALA A 147 -6.56 -2.50 4.44
C ALA A 147 -6.25 -3.38 5.66
N ASN A 148 -5.46 -2.84 6.58
CA ASN A 148 -5.09 -3.56 7.79
C ASN A 148 -6.28 -3.77 8.72
N ARG A 149 -7.15 -2.77 8.81
CA ARG A 149 -8.40 -2.89 9.55
C ARG A 149 -9.26 -4.03 9.02
N MET A 150 -9.49 -4.02 7.71
CA MET A 150 -10.31 -5.02 7.04
C MET A 150 -9.72 -6.42 7.18
N ALA A 151 -8.40 -6.51 7.05
CA ALA A 151 -7.71 -7.79 7.18
C ALA A 151 -7.89 -8.39 8.56
N ALA A 152 -7.67 -7.58 9.59
CA ALA A 152 -7.80 -8.02 10.98
C ALA A 152 -9.21 -8.51 11.27
N GLU A 153 -10.21 -7.74 10.84
CA GLU A 153 -11.61 -8.12 10.99
C GLU A 153 -11.92 -9.46 10.33
N ALA A 154 -11.53 -9.57 9.07
CA ALA A 154 -11.77 -10.77 8.27
C ALA A 154 -11.11 -12.00 8.90
N GLN A 155 -9.91 -11.82 9.44
CA GLN A 155 -9.16 -12.91 10.05
C GLN A 155 -9.89 -13.47 11.27
N LYS A 156 -10.48 -12.59 12.06
CA LYS A 156 -11.32 -13.01 13.19
C LYS A 156 -12.48 -13.88 12.71
N GLN A 157 -13.16 -13.40 11.67
CA GLN A 157 -14.27 -14.12 11.07
C GLN A 157 -13.84 -15.47 10.49
N VAL A 158 -12.64 -15.51 9.90
CA VAL A 158 -12.12 -16.76 9.34
C VAL A 158 -11.98 -17.84 10.42
N LYS A 159 -11.36 -17.49 11.54
CA LYS A 159 -11.19 -18.44 12.64
C LYS A 159 -12.53 -18.99 13.12
N SER A 160 -13.49 -18.10 13.36
CA SER A 160 -14.82 -18.49 13.79
C SER A 160 -15.50 -19.39 12.76
N LEU A 161 -15.40 -19.02 11.49
CA LEU A 161 -16.01 -19.77 10.40
C LEU A 161 -15.36 -21.15 10.24
N GLN A 162 -14.05 -21.20 10.40
CA GLN A 162 -13.32 -22.46 10.36
C GLN A 162 -13.84 -23.42 11.42
N SER A 163 -13.97 -22.90 12.64
CA SER A 163 -14.52 -23.67 13.77
C SER A 163 -15.93 -24.16 13.49
N LEU A 164 -16.80 -23.24 13.08
CA LEU A 164 -18.20 -23.58 12.79
C LEU A 164 -18.34 -24.62 11.68
N LEU A 165 -17.55 -24.45 10.62
CA LEU A 165 -17.58 -25.39 9.50
C LEU A 165 -17.15 -26.79 9.93
N LYS A 166 -16.07 -26.87 10.70
CA LYS A 166 -15.58 -28.14 11.18
C LYS A 166 -16.60 -28.88 12.04
N ASP A 167 -17.15 -28.17 13.02
CA ASP A 167 -18.18 -28.72 13.89
C ASP A 167 -19.38 -29.24 13.09
N THR A 168 -19.82 -28.45 12.12
CA THR A 168 -20.96 -28.81 11.27
C THR A 168 -20.64 -30.06 10.44
N GLN A 169 -19.42 -30.12 9.93
CA GLN A 169 -18.96 -31.28 9.15
C GLN A 169 -18.99 -32.55 9.99
N ILE A 170 -18.56 -32.44 11.25
CA ILE A 170 -18.57 -33.56 12.17
C ILE A 170 -20.01 -34.05 12.41
N GLN A 171 -20.91 -33.10 12.66
CA GLN A 171 -22.33 -33.40 12.85
C GLN A 171 -22.91 -34.13 11.63
N LEU A 172 -22.53 -33.68 10.44
CA LEU A 172 -23.00 -34.28 9.20
C LEU A 172 -22.53 -35.73 9.09
N ASP A 173 -21.27 -35.96 9.42
CA ASP A 173 -20.70 -37.31 9.40
C ASP A 173 -21.45 -38.23 10.35
N ASP A 174 -21.71 -37.74 11.56
CA ASP A 174 -22.47 -38.48 12.56
C ASP A 174 -23.86 -38.83 12.03
N ALA A 175 -24.51 -37.85 11.41
CA ALA A 175 -25.84 -38.05 10.84
C ALA A 175 -25.82 -39.09 9.72
N VAL A 176 -24.75 -39.09 8.94
CA VAL A 176 -24.62 -40.02 7.82
C VAL A 176 -24.47 -41.46 8.33
N ARG A 177 -23.60 -41.65 9.32
CA ARG A 177 -23.41 -42.95 9.95
C ARG A 177 -24.72 -43.43 10.57
N ALA A 178 -25.41 -42.52 11.25
CA ALA A 178 -26.72 -42.81 11.82
C ALA A 178 -27.70 -43.26 10.75
N ASN A 179 -27.68 -42.56 9.61
CA ASN A 179 -28.52 -42.90 8.47
C ASN A 179 -28.25 -44.31 7.92
N ASP A 180 -26.98 -44.68 7.84
CA ASP A 180 -26.59 -46.01 7.42
C ASP A 180 -27.15 -47.08 8.34
N ASP A 181 -26.90 -46.92 9.64
CA ASP A 181 -27.39 -47.83 10.67
C ASP A 181 -28.91 -47.94 10.65
N LEU A 182 -29.57 -46.81 10.47
CA LEU A 182 -31.03 -46.77 10.44
C LEU A 182 -31.60 -47.56 9.27
N LYS A 183 -31.05 -47.37 8.08
CA LYS A 183 -31.50 -48.12 6.90
C LYS A 183 -31.26 -49.61 7.09
N GLU A 184 -30.16 -49.95 7.74
CA GLU A 184 -29.88 -51.32 8.14
C GLU A 184 -31.02 -51.88 8.99
N ASN A 185 -31.38 -51.14 10.04
CA ASN A 185 -32.41 -51.58 10.97
C ASN A 185 -33.81 -51.70 10.36
N ILE A 186 -34.19 -50.74 9.52
CA ILE A 186 -35.49 -50.80 8.86
C ILE A 186 -35.60 -52.05 7.98
N ALA A 187 -34.51 -52.38 7.29
CA ALA A 187 -34.46 -53.59 6.48
C ALA A 187 -34.67 -54.82 7.33
N ILE A 188 -33.93 -54.89 8.45
CA ILE A 188 -34.04 -55.99 9.40
C ILE A 188 -35.46 -56.16 9.92
N VAL A 189 -36.03 -55.06 10.43
CA VAL A 189 -37.35 -55.08 11.05
C VAL A 189 -38.45 -55.40 10.03
N GLU A 190 -38.30 -54.90 8.81
CA GLU A 190 -39.26 -55.22 7.75
C GLU A 190 -39.19 -56.69 7.34
N ARG A 191 -37.99 -57.23 7.31
CA ARG A 191 -37.80 -58.66 7.01
C ARG A 191 -38.49 -59.51 8.08
N ARG A 192 -38.28 -59.14 9.35
CA ARG A 192 -38.95 -59.80 10.46
C ARG A 192 -40.48 -59.77 10.28
N ASN A 193 -40.99 -58.62 9.86
CA ASN A 193 -42.42 -58.46 9.61
C ASN A 193 -42.95 -59.45 8.58
N ASN A 194 -42.24 -59.57 7.46
CA ASN A 194 -42.59 -60.54 6.42
C ASN A 194 -42.66 -61.97 6.96
N LEU A 195 -41.63 -62.35 7.71
CA LEU A 195 -41.55 -63.69 8.29
C LEU A 195 -42.67 -63.97 9.29
N LEU A 196 -43.03 -62.96 10.08
CA LEU A 196 -44.09 -63.11 11.07
C LEU A 196 -45.44 -63.29 10.40
N GLN A 197 -45.73 -62.46 9.40
CA GLN A 197 -46.94 -62.62 8.60
C GLN A 197 -47.00 -64.01 7.95
N ALA A 198 -45.85 -64.46 7.46
CA ALA A 198 -45.73 -65.80 6.86
C ALA A 198 -46.10 -66.89 7.86
N GLU A 199 -45.51 -66.81 9.04
CA GLU A 199 -45.79 -67.76 10.12
C GLU A 199 -47.28 -67.81 10.46
N LEU A 200 -47.89 -66.63 10.63
CA LEU A 200 -49.30 -66.52 10.94
C LEU A 200 -50.21 -67.09 9.85
N GLU A 201 -49.88 -66.81 8.59
CA GLU A 201 -50.68 -67.30 7.47
C GLU A 201 -50.62 -68.82 7.36
N GLU A 202 -49.43 -69.37 7.55
CA GLU A 202 -49.23 -70.80 7.49
C GLU A 202 -49.90 -71.53 8.65
N LEU A 203 -50.11 -70.82 9.76
CA LEU A 203 -50.73 -71.44 10.92
C LEU A 203 -52.24 -71.25 10.94
N ARG A 204 -52.73 -70.32 10.12
CA ARG A 204 -54.16 -70.08 10.01
C ARG A 204 -54.78 -70.84 8.84
N GLY B 4 18.76 7.18 13.15
CA GLY B 4 17.90 8.23 13.65
C GLY B 4 16.56 8.25 12.97
N GLU B 5 15.95 9.43 12.89
CA GLU B 5 14.66 9.60 12.26
C GLU B 5 14.59 10.90 11.45
N ARG B 6 13.59 10.99 10.57
CA ARG B 6 13.44 12.16 9.73
C ARG B 6 11.97 12.37 9.39
N LYS B 7 11.58 13.63 9.23
CA LYS B 7 10.25 13.97 8.74
C LYS B 7 10.30 15.16 7.80
N ILE B 8 9.71 15.00 6.62
CA ILE B 8 9.66 16.10 5.65
C ILE B 8 8.23 16.58 5.50
N SER B 9 8.03 17.88 5.71
CA SER B 9 6.68 18.43 5.67
C SER B 9 6.56 19.60 4.70
N ARG B 10 5.40 19.72 4.09
CA ARG B 10 5.08 20.88 3.25
C ARG B 10 4.66 22.07 4.11
N ILE B 11 5.28 23.23 3.90
CA ILE B 11 4.91 24.44 4.61
C ILE B 11 4.86 25.67 3.71
N HIS B 12 4.04 26.63 4.11
CA HIS B 12 3.95 27.92 3.42
C HIS B 12 4.45 29.06 4.30
N LEU B 13 5.38 29.85 3.77
CA LEU B 13 5.92 31.01 4.47
C LEU B 13 5.03 32.23 4.25
N VAL B 14 4.77 32.97 5.33
CA VAL B 14 3.91 34.15 5.29
C VAL B 14 4.36 35.16 4.23
N SER B 15 5.67 35.29 4.04
CA SER B 15 6.21 36.23 3.06
C SER B 15 6.00 35.75 1.61
N GLU B 16 5.96 34.44 1.42
CA GLU B 16 5.78 33.84 0.10
C GLU B 16 4.62 32.84 0.11
N PRO B 17 3.38 33.35 0.08
CA PRO B 17 2.22 32.52 0.43
C PRO B 17 1.84 31.47 -0.61
N SER B 18 2.24 31.67 -1.86
CA SER B 18 1.83 30.78 -2.93
C SER B 18 2.88 29.72 -3.21
N ILE B 19 4.03 29.84 -2.56
CA ILE B 19 5.12 28.93 -2.85
C ILE B 19 5.26 27.92 -1.74
N THR B 20 5.48 26.68 -2.14
CA THR B 20 5.69 25.59 -1.19
C THR B 20 7.14 25.50 -0.75
N HIS B 21 7.35 25.46 0.55
CA HIS B 21 8.67 25.15 1.07
C HIS B 21 8.62 23.79 1.73
N PHE B 22 9.78 23.21 1.96
CA PHE B 22 9.83 21.90 2.59
C PHE B 22 10.66 21.99 3.85
N LEU B 23 10.10 21.47 4.94
CA LEU B 23 10.79 21.50 6.22
C LEU B 23 11.22 20.10 6.56
N GLN B 24 12.52 19.88 6.62
CA GLN B 24 13.05 18.57 6.97
C GLN B 24 13.65 18.60 8.36
N VAL B 25 13.01 17.85 9.27
CA VAL B 25 13.45 17.78 10.65
C VAL B 25 14.01 16.40 10.96
N SER B 26 15.23 16.36 11.48
CA SER B 26 15.86 15.09 11.81
C SER B 26 16.27 15.07 13.27
N TRP B 27 16.08 13.92 13.91
CA TRP B 27 16.38 13.76 15.33
C TRP B 27 16.73 12.31 15.63
N GLU B 28 17.51 12.10 16.69
CA GLU B 28 18.00 10.76 17.03
C GLU B 28 16.92 9.84 17.60
N LYS B 29 16.45 10.16 18.80
CA LYS B 29 15.48 9.30 19.48
C LYS B 29 14.18 10.03 19.73
N THR B 30 14.27 11.26 20.20
CA THR B 30 13.10 12.12 20.38
C THR B 30 13.43 13.53 19.95
N LEU B 31 12.39 14.34 19.72
CA LEU B 31 12.58 15.73 19.33
C LEU B 31 13.22 16.51 20.47
N GLU B 32 12.99 16.03 21.70
CA GLU B 32 13.50 16.67 22.91
C GLU B 32 15.03 16.66 22.99
N SER B 33 15.65 15.65 22.40
CA SER B 33 17.12 15.54 22.43
C SER B 33 17.79 16.66 21.64
N GLY B 34 17.02 17.32 20.78
CA GLY B 34 17.56 18.33 19.89
C GLY B 34 17.36 17.85 18.46
N PHE B 35 17.47 18.75 17.50
CA PHE B 35 17.22 18.37 16.12
C PHE B 35 17.92 19.26 15.10
N VAL B 36 18.16 18.69 13.92
CA VAL B 36 18.64 19.46 12.78
C VAL B 36 17.45 19.78 11.88
N ILE B 37 17.34 21.03 11.47
CA ILE B 37 16.23 21.44 10.64
C ILE B 37 16.68 22.13 9.36
N THR B 38 16.19 21.62 8.23
CA THR B 38 16.55 22.17 6.93
C THR B 38 15.31 22.67 6.20
N LEU B 39 15.43 23.84 5.57
CA LEU B 39 14.34 24.42 4.81
C LEU B 39 14.78 24.62 3.37
N THR B 40 13.93 24.24 2.42
CA THR B 40 14.27 24.39 1.02
C THR B 40 13.06 24.75 0.16
N ASP B 41 13.32 25.44 -0.94
CA ASP B 41 12.27 25.83 -1.88
C ASP B 41 12.49 25.16 -3.23
N GLY B 42 13.33 24.13 -3.24
CA GLY B 42 13.64 23.42 -4.46
C GLY B 42 14.75 24.07 -5.25
N HIS B 43 15.33 25.13 -4.69
CA HIS B 43 16.44 25.83 -5.33
C HIS B 43 17.54 26.10 -4.32
N SER B 44 17.21 26.83 -3.26
CA SER B 44 18.14 27.10 -2.17
C SER B 44 17.82 26.23 -0.96
N ALA B 45 18.71 26.25 0.03
CA ALA B 45 18.48 25.50 1.27
C ALA B 45 19.13 26.17 2.48
N TRP B 46 18.40 26.20 3.58
CA TRP B 46 18.88 26.77 4.84
C TRP B 46 18.86 25.72 5.95
N THR B 47 19.93 25.66 6.73
CA THR B 47 20.06 24.62 7.75
C THR B 47 20.45 25.20 9.12
N GLY B 48 19.82 24.71 10.17
CA GLY B 48 20.13 25.12 11.52
C GLY B 48 20.04 23.97 12.51
N THR B 49 20.73 24.10 13.63
CA THR B 49 20.70 23.08 14.69
C THR B 49 20.12 23.62 15.98
N VAL B 50 19.18 22.89 16.56
CA VAL B 50 18.56 23.27 17.83
C VAL B 50 18.95 22.26 18.91
N SER B 51 19.54 22.75 20.00
CA SER B 51 20.06 21.86 21.03
C SER B 51 19.03 21.53 22.11
N GLU B 52 19.32 20.47 22.86
CA GLU B 52 18.53 20.08 24.03
C GLU B 52 18.27 21.25 24.98
N SER B 53 19.33 21.97 25.31
CA SER B 53 19.26 23.09 26.24
C SER B 53 18.43 24.26 25.69
N GLU B 54 18.55 24.52 24.39
CA GLU B 54 17.80 25.61 23.76
C GLU B 54 16.30 25.34 23.81
N ILE B 55 15.91 24.08 23.67
CA ILE B 55 14.51 23.68 23.78
C ILE B 55 14.00 23.89 25.19
N SER B 56 14.78 23.42 26.17
CA SER B 56 14.46 23.62 27.58
C SER B 56 14.34 25.09 27.94
N GLN B 57 15.30 25.89 27.48
CA GLN B 57 15.32 27.32 27.73
C GLN B 57 14.07 28.02 27.19
N GLU B 58 13.78 27.78 25.92
CA GLU B 58 12.59 28.35 25.28
C GLU B 58 11.32 27.93 26.01
N ALA B 59 11.35 26.72 26.56
CA ALA B 59 10.22 26.19 27.30
C ALA B 59 10.00 26.96 28.60
N ASP B 60 11.10 27.33 29.26
CA ASP B 60 11.03 28.06 30.52
C ASP B 60 10.76 29.55 30.30
N ASP B 61 11.17 30.06 29.14
CA ASP B 61 10.87 31.42 28.74
C ASP B 61 9.39 31.61 28.52
N MET B 62 8.70 30.50 28.25
CA MET B 62 7.27 30.52 27.97
C MET B 62 6.46 30.06 29.17
N ALA B 63 7.16 29.71 30.25
CA ALA B 63 6.52 29.19 31.46
C ALA B 63 5.62 28.01 31.14
N MET B 64 6.03 27.21 30.16
CA MET B 64 5.28 26.03 29.76
C MET B 64 6.02 24.75 30.14
N GLU B 65 5.26 23.72 30.50
CA GLU B 65 5.82 22.44 30.90
C GLU B 65 6.57 21.81 29.72
N LYS B 66 7.73 21.23 30.01
CA LYS B 66 8.65 20.71 29.00
C LYS B 66 7.97 19.75 28.02
N GLY B 67 7.29 18.74 28.56
CA GLY B 67 6.62 17.75 27.74
C GLY B 67 5.58 18.34 26.80
N LYS B 68 4.80 19.28 27.32
CA LYS B 68 3.76 19.93 26.53
C LYS B 68 4.37 20.77 25.40
N TYR B 69 5.47 21.45 25.68
CA TYR B 69 6.14 22.25 24.66
C TYR B 69 6.75 21.39 23.57
N VAL B 70 7.31 20.24 23.96
CA VAL B 70 7.86 19.29 22.99
C VAL B 70 6.73 18.73 22.12
N GLY B 71 5.58 18.51 22.74
CA GLY B 71 4.40 18.07 22.03
C GLY B 71 3.97 19.09 20.99
N GLU B 72 3.98 20.36 21.38
CA GLU B 72 3.66 21.45 20.47
C GLU B 72 4.65 21.52 19.31
N LEU B 73 5.92 21.29 19.61
CA LEU B 73 6.96 21.26 18.59
C LEU B 73 6.75 20.13 17.60
N ARG B 74 6.31 18.98 18.11
CA ARG B 74 6.01 17.83 17.27
C ARG B 74 4.86 18.13 16.30
N LYS B 75 3.80 18.71 16.84
CA LYS B 75 2.62 19.05 16.04
C LYS B 75 2.95 20.12 15.02
N ALA B 76 3.87 21.03 15.38
CA ALA B 76 4.20 22.15 14.52
C ALA B 76 5.20 21.79 13.43
N LEU B 77 6.18 20.95 13.77
CA LEU B 77 7.28 20.68 12.83
C LEU B 77 7.19 19.33 12.13
N LEU B 78 6.51 18.37 12.77
CA LEU B 78 6.47 17.01 12.23
C LEU B 78 5.08 16.63 11.73
N SER B 79 4.08 17.43 12.04
CA SER B 79 2.71 17.13 11.66
C SER B 79 2.20 18.10 10.61
N GLY B 82 -3.81 17.89 12.07
CA GLY B 82 -4.76 18.82 12.67
C GLY B 82 -5.31 19.81 11.66
N PRO B 83 -6.17 20.73 12.14
CA PRO B 83 -6.79 21.77 11.30
C PRO B 83 -5.76 22.62 10.56
N ALA B 84 -6.18 23.22 9.45
CA ALA B 84 -5.28 24.02 8.62
C ALA B 84 -4.87 25.31 9.31
N ASP B 85 -3.60 25.68 9.10
CA ASP B 85 -3.01 26.91 9.61
C ASP B 85 -3.15 27.14 11.12
N VAL B 86 -3.15 26.06 11.89
CA VAL B 86 -3.07 26.18 13.35
C VAL B 86 -1.71 26.79 13.65
N TYR B 87 -0.73 26.37 12.86
CA TYR B 87 0.62 26.88 12.99
C TYR B 87 0.98 27.68 11.75
N THR B 88 1.74 28.75 11.94
CA THR B 88 2.16 29.61 10.84
C THR B 88 3.66 29.82 10.88
N PHE B 89 4.29 29.90 9.71
CA PHE B 89 5.74 29.92 9.63
C PHE B 89 6.27 31.19 9.00
N ASN B 90 7.34 31.72 9.58
CA ASN B 90 7.96 32.93 9.05
C ASN B 90 9.45 32.74 8.90
N PHE B 91 10.00 33.26 7.80
CA PHE B 91 11.44 33.19 7.56
C PHE B 91 11.92 34.39 6.76
N SER B 92 12.90 35.10 7.29
CA SER B 92 13.55 36.18 6.56
C SER B 92 14.81 35.65 5.90
N LYS B 93 14.86 35.71 4.57
CA LYS B 93 16.02 35.19 3.83
C LYS B 93 17.21 36.14 3.99
N GLU B 94 16.94 37.35 4.44
CA GLU B 94 18.00 38.34 4.67
C GLU B 94 18.73 38.07 5.98
N SER B 95 17.97 38.02 7.08
CA SER B 95 18.52 37.81 8.41
C SER B 95 18.65 36.33 8.77
N CYS B 96 18.12 35.47 7.92
CA CYS B 96 18.11 34.03 8.16
C CYS B 96 17.43 33.69 9.50
N TYR B 97 16.38 34.43 9.83
CA TYR B 97 15.66 34.22 11.07
C TYR B 97 14.34 33.51 10.79
N PHE B 98 14.17 32.34 11.40
CA PHE B 98 12.98 31.53 11.18
C PHE B 98 12.16 31.45 12.46
N PHE B 99 10.92 31.94 12.44
CA PHE B 99 10.09 31.77 13.64
C PHE B 99 8.68 31.30 13.26
N PHE B 100 8.05 30.58 14.18
CA PHE B 100 6.74 30.00 13.92
C PHE B 100 5.83 30.15 15.14
N GLU B 101 4.57 30.47 14.87
CA GLU B 101 3.60 30.74 15.91
C GLU B 101 2.46 29.74 15.85
N LYS B 102 1.79 29.54 16.97
CA LYS B 102 0.55 28.78 16.99
C LYS B 102 -0.62 29.76 17.00
N ASN B 103 -1.58 29.54 16.12
CA ASN B 103 -2.73 30.44 16.01
C ASN B 103 -4.00 29.82 16.57
N LEU B 104 -4.64 30.53 17.48
CA LEU B 104 -5.92 30.10 18.01
C LEU B 104 -6.95 31.15 17.65
N LYS B 105 -8.20 30.92 18.03
CA LYS B 105 -9.23 31.91 17.83
C LYS B 105 -8.99 33.05 18.81
N ASP B 106 -8.86 34.27 18.27
CA ASP B 106 -8.71 35.50 19.04
C ASP B 106 -7.35 35.67 19.73
N VAL B 107 -6.39 34.80 19.41
CA VAL B 107 -5.03 34.94 19.96
C VAL B 107 -4.01 34.08 19.23
N SER B 108 -2.78 34.58 19.17
CA SER B 108 -1.65 33.83 18.62
C SER B 108 -0.38 34.10 19.44
N PHE B 109 0.46 33.09 19.59
CA PHE B 109 1.71 33.25 20.33
C PHE B 109 2.91 32.59 19.61
N ARG B 110 4.08 33.19 19.81
CA ARG B 110 5.35 32.67 19.29
C ARG B 110 5.70 31.34 19.94
N LEU B 111 5.85 30.30 19.10
CA LEU B 111 6.11 28.96 19.63
C LEU B 111 7.59 28.63 19.61
N GLY B 112 8.30 29.12 18.60
CA GLY B 112 9.74 28.86 18.50
C GLY B 112 10.46 29.72 17.49
N SER B 113 11.79 29.74 17.60
CA SER B 113 12.63 30.48 16.65
C SER B 113 14.08 29.98 16.64
N PHE B 114 14.65 29.89 15.45
CA PHE B 114 16.05 29.48 15.30
C PHE B 114 16.67 30.09 14.05
N ASN B 115 18.01 30.19 14.04
CA ASN B 115 18.75 30.74 12.92
C ASN B 115 19.17 29.65 11.93
N LEU B 116 18.95 29.89 10.64
CA LEU B 116 19.29 28.92 9.60
C LEU B 116 20.30 29.46 8.59
N GLU B 117 21.52 28.95 8.62
CA GLU B 117 22.50 29.41 7.65
C GLU B 117 22.23 28.86 6.26
N LYS B 118 22.30 29.74 5.27
CA LYS B 118 22.17 29.34 3.88
C LYS B 118 23.33 28.46 3.45
N VAL B 119 23.02 27.27 2.95
CA VAL B 119 24.06 26.34 2.51
C VAL B 119 24.57 26.72 1.13
N GLU B 120 25.84 26.41 0.87
CA GLU B 120 26.45 26.71 -0.43
C GLU B 120 26.21 25.59 -1.42
N ASN B 121 25.72 24.46 -0.92
CA ASN B 121 25.46 23.30 -1.76
C ASN B 121 24.00 22.83 -1.69
N PRO B 122 23.06 23.69 -2.13
CA PRO B 122 21.64 23.36 -2.00
C PRO B 122 21.24 22.15 -2.84
N ALA B 123 21.86 22.00 -4.01
CA ALA B 123 21.53 20.92 -4.92
C ALA B 123 21.84 19.56 -4.29
N GLU B 124 22.94 19.50 -3.55
CA GLU B 124 23.33 18.27 -2.86
C GLU B 124 22.31 17.90 -1.81
N VAL B 125 21.88 18.89 -1.03
CA VAL B 125 20.86 18.71 -0.01
C VAL B 125 19.54 18.25 -0.63
N ILE B 126 19.14 18.93 -1.70
CA ILE B 126 17.89 18.63 -2.39
C ILE B 126 17.88 17.22 -2.98
N ARG B 127 19.00 16.83 -3.60
CA ARG B 127 19.12 15.48 -4.16
C ARG B 127 18.99 14.40 -3.08
N GLU B 128 19.63 14.63 -1.94
CA GLU B 128 19.57 13.69 -0.83
C GLU B 128 18.14 13.58 -0.32
N LEU B 129 17.45 14.71 -0.24
CA LEU B 129 16.06 14.77 0.20
C LEU B 129 15.17 13.96 -0.75
N ILE B 130 15.33 14.21 -2.04
CA ILE B 130 14.55 13.50 -3.06
C ILE B 130 14.77 12.00 -2.99
N CYS B 131 16.03 11.60 -2.80
CA CYS B 131 16.38 10.18 -2.65
C CYS B 131 15.61 9.55 -1.49
N TYR B 132 15.57 10.25 -0.36
CA TYR B 132 14.82 9.78 0.80
C TYR B 132 13.33 9.64 0.48
N CYS B 133 12.77 10.65 -0.18
CA CYS B 133 11.35 10.64 -0.55
C CYS B 133 11.01 9.47 -1.47
N LEU B 134 11.87 9.21 -2.45
CA LEU B 134 11.66 8.10 -3.37
C LEU B 134 11.62 6.77 -2.61
N ASP B 135 12.55 6.58 -1.68
CA ASP B 135 12.62 5.38 -0.88
C ASP B 135 11.36 5.19 -0.03
N THR B 136 10.94 6.24 0.65
CA THR B 136 9.75 6.19 1.51
C THR B 136 8.48 5.93 0.71
N THR B 137 8.35 6.63 -0.42
CA THR B 137 7.22 6.42 -1.33
C THR B 137 7.16 4.97 -1.78
N ALA B 138 8.30 4.44 -2.21
CA ALA B 138 8.41 3.05 -2.64
C ALA B 138 8.01 2.08 -1.53
N GLU B 139 8.56 2.29 -0.34
CA GLU B 139 8.27 1.43 0.81
C GLU B 139 6.78 1.37 1.13
N ASN B 140 6.14 2.53 1.19
CA ASN B 140 4.71 2.61 1.49
C ASN B 140 3.85 2.03 0.37
N GLN B 141 4.32 2.13 -0.87
CA GLN B 141 3.60 1.55 -2.00
C GLN B 141 3.60 0.03 -1.89
N ALA B 142 4.76 -0.53 -1.59
CA ALA B 142 4.89 -1.98 -1.38
C ALA B 142 4.07 -2.43 -0.18
N LYS B 143 4.20 -1.70 0.93
CA LYS B 143 3.49 -2.04 2.17
C LYS B 143 1.98 -2.00 2.00
N ASN B 144 1.48 -1.00 1.27
CA ASN B 144 0.06 -0.89 0.98
C ASN B 144 -0.42 -2.01 0.06
N GLU B 145 0.40 -2.28 -0.95
CA GLU B 145 0.12 -3.32 -1.94
C GLU B 145 0.00 -4.68 -1.27
N HIS B 146 0.97 -4.99 -0.40
CA HIS B 146 0.95 -6.22 0.38
C HIS B 146 -0.27 -6.29 1.27
N ALA B 147 -0.57 -5.18 1.95
CA ALA B 147 -1.72 -5.10 2.85
C ALA B 147 -3.03 -5.38 2.13
N ASN B 148 -3.18 -4.86 0.92
CA ASN B 148 -4.37 -5.10 0.12
C ASN B 148 -4.48 -6.56 -0.31
N ARG B 149 -3.34 -7.17 -0.62
CA ARG B 149 -3.29 -8.59 -0.94
C ARG B 149 -3.86 -9.41 0.22
N MET B 150 -3.34 -9.17 1.42
CA MET B 150 -3.77 -9.89 2.62
C MET B 150 -5.25 -9.64 2.93
N ALA B 151 -5.68 -8.39 2.80
CA ALA B 151 -7.07 -8.02 3.05
C ALA B 151 -8.01 -8.73 2.08
N ALA B 152 -7.68 -8.65 0.79
CA ALA B 152 -8.48 -9.29 -0.26
C ALA B 152 -8.55 -10.79 -0.06
N GLU B 153 -7.39 -11.40 0.19
CA GLU B 153 -7.31 -12.83 0.44
C GLU B 153 -8.18 -13.24 1.62
N ALA B 154 -8.03 -12.54 2.75
CA ALA B 154 -8.79 -12.85 3.96
C ALA B 154 -10.30 -12.73 3.75
N GLN B 155 -10.72 -11.67 3.06
CA GLN B 155 -12.14 -11.46 2.79
C GLN B 155 -12.70 -12.52 1.84
N LYS B 156 -11.90 -12.89 0.83
CA LYS B 156 -12.29 -13.98 -0.07
C LYS B 156 -12.51 -15.27 0.72
N GLN B 157 -11.58 -15.55 1.64
CA GLN B 157 -11.67 -16.73 2.49
C GLN B 157 -12.94 -16.70 3.33
N VAL B 158 -13.32 -15.51 3.80
CA VAL B 158 -14.54 -15.35 4.59
C VAL B 158 -15.76 -15.75 3.78
N LYS B 159 -15.87 -15.20 2.58
CA LYS B 159 -16.98 -15.50 1.68
C LYS B 159 -17.07 -16.99 1.33
N SER B 160 -15.93 -17.57 0.94
CA SER B 160 -15.88 -18.99 0.61
C SER B 160 -16.30 -19.87 1.79
N LEU B 161 -15.82 -19.54 2.98
CA LEU B 161 -16.14 -20.31 4.18
C LEU B 161 -17.61 -20.18 4.53
N GLN B 162 -18.16 -18.98 4.37
CA GLN B 162 -19.58 -18.75 4.60
C GLN B 162 -20.43 -19.60 3.67
N SER B 163 -20.09 -19.58 2.39
CA SER B 163 -20.78 -20.39 1.39
C SER B 163 -20.70 -21.88 1.74
N LEU B 164 -19.48 -22.34 2.01
CA LEU B 164 -19.23 -23.74 2.36
C LEU B 164 -20.01 -24.15 3.60
N LEU B 165 -20.04 -23.27 4.59
CA LEU B 165 -20.76 -23.52 5.84
C LEU B 165 -22.26 -23.73 5.59
N LYS B 166 -22.83 -22.87 4.76
CA LYS B 166 -24.25 -22.95 4.42
C LYS B 166 -24.58 -24.28 3.74
N ASP B 167 -23.81 -24.63 2.71
CA ASP B 167 -23.98 -25.89 2.00
C ASP B 167 -23.92 -27.10 2.93
N THR B 168 -22.92 -27.10 3.82
CA THR B 168 -22.76 -28.19 4.77
C THR B 168 -23.94 -28.24 5.74
N GLN B 169 -24.35 -27.08 6.20
CA GLN B 169 -25.58 -26.97 7.02
CA GLN B 169 -25.52 -26.91 6.97
C GLN B 169 -27.03 -27.25 6.40
N ILE B 170 -26.99 -27.21 5.07
CA ILE B 170 -28.12 -27.70 4.28
C ILE B 170 -28.09 -29.23 4.22
N GLN B 171 -26.92 -29.78 3.90
CA GLN B 171 -26.72 -31.22 3.87
C GLN B 171 -27.06 -31.87 5.22
N LEU B 172 -26.63 -31.22 6.30
CA LEU B 172 -26.88 -31.73 7.65
C LEU B 172 -28.37 -31.73 7.98
N ASP B 173 -29.06 -30.65 7.64
CA ASP B 173 -30.50 -30.54 7.88
C ASP B 173 -31.26 -31.63 7.14
N ASP B 174 -30.93 -31.83 5.86
CA ASP B 174 -31.53 -32.87 5.05
C ASP B 174 -31.29 -34.25 5.65
N ALA B 175 -30.05 -34.51 6.06
CA ALA B 175 -29.69 -35.79 6.67
C ALA B 175 -30.44 -36.04 7.97
N VAL B 176 -30.65 -34.98 8.75
CA VAL B 176 -31.33 -35.09 10.03
C VAL B 176 -32.82 -35.43 9.81
N ARG B 177 -33.46 -34.74 8.88
CA ARG B 177 -34.85 -35.02 8.54
C ARG B 177 -35.04 -36.45 8.05
N ALA B 178 -34.13 -36.90 7.18
CA ALA B 178 -34.16 -38.27 6.68
C ALA B 178 -34.08 -39.28 7.81
N ASN B 179 -33.20 -39.01 8.77
CA ASN B 179 -33.07 -39.86 9.96
C ASN B 179 -34.36 -39.86 10.78
N ASP B 180 -34.99 -38.70 10.89
CA ASP B 180 -36.27 -38.59 11.59
C ASP B 180 -37.31 -39.50 10.96
N ASP B 181 -37.48 -39.39 9.64
CA ASP B 181 -38.41 -40.23 8.90
C ASP B 181 -38.09 -41.72 9.07
N LEU B 182 -36.82 -42.06 9.04
CA LEU B 182 -36.40 -43.46 9.21
C LEU B 182 -36.78 -43.98 10.59
N LYS B 183 -36.45 -43.22 11.62
CA LYS B 183 -36.78 -43.59 12.99
C LYS B 183 -38.30 -43.68 13.19
N GLU B 184 -39.03 -42.80 12.51
CA GLU B 184 -40.49 -42.89 12.46
C GLU B 184 -40.93 -44.25 11.96
N ASN B 185 -40.38 -44.64 10.80
CA ASN B 185 -40.71 -45.91 10.16
C ASN B 185 -40.29 -47.12 10.97
N ILE B 186 -39.12 -47.02 11.62
CA ILE B 186 -38.64 -48.09 12.48
C ILE B 186 -39.63 -48.35 13.60
N ALA B 187 -40.14 -47.28 14.20
CA ALA B 187 -41.13 -47.36 15.26
C ALA B 187 -42.41 -48.04 14.79
N ILE B 188 -42.93 -47.60 13.66
CA ILE B 188 -44.16 -48.15 13.08
C ILE B 188 -44.07 -49.66 12.84
N VAL B 189 -43.05 -50.08 12.09
CA VAL B 189 -42.91 -51.48 11.72
C VAL B 189 -42.61 -52.33 12.95
N GLU B 190 -41.86 -51.76 13.90
CA GLU B 190 -41.59 -52.47 15.15
C GLU B 190 -42.87 -52.68 15.95
N ARG B 191 -43.77 -51.69 15.91
CA ARG B 191 -45.07 -51.86 16.53
C ARG B 191 -45.83 -53.02 15.90
N ARG B 192 -45.84 -53.04 14.57
CA ARG B 192 -46.49 -54.11 13.81
C ARG B 192 -45.95 -55.48 14.21
N ASN B 193 -44.64 -55.57 14.32
CA ASN B 193 -43.98 -56.81 14.72
C ASN B 193 -44.43 -57.26 16.10
N ASN B 194 -44.49 -56.32 17.04
CA ASN B 194 -44.99 -56.58 18.38
C ASN B 194 -46.39 -57.19 18.34
N LEU B 195 -47.28 -56.59 17.56
CA LEU B 195 -48.64 -57.09 17.40
C LEU B 195 -48.66 -58.49 16.79
N LEU B 196 -47.79 -58.72 15.81
CA LEU B 196 -47.72 -60.01 15.14
C LEU B 196 -47.20 -61.09 16.08
N GLN B 197 -46.12 -60.78 16.79
CA GLN B 197 -45.60 -61.68 17.82
C GLN B 197 -46.66 -62.00 18.88
N ALA B 198 -47.46 -60.99 19.22
CA ALA B 198 -48.55 -61.17 20.17
C ALA B 198 -49.55 -62.21 19.65
N GLU B 199 -49.96 -62.06 18.40
CA GLU B 199 -50.85 -63.03 17.76
C GLU B 199 -50.28 -64.45 17.80
N LEU B 200 -49.01 -64.58 17.42
CA LEU B 200 -48.34 -65.87 17.40
C LEU B 200 -48.32 -66.50 18.80
N GLU B 201 -48.10 -65.68 19.81
CA GLU B 201 -48.07 -66.17 21.19
C GLU B 201 -49.44 -66.67 21.63
N GLU B 202 -50.49 -65.97 21.20
CA GLU B 202 -51.85 -66.35 21.52
C GLU B 202 -52.23 -67.66 20.84
N LEU B 203 -51.54 -67.96 19.74
CA LEU B 203 -51.78 -69.17 18.96
C LEU B 203 -50.90 -70.35 19.37
N ARG B 204 -49.97 -70.12 20.28
CA ARG B 204 -49.10 -71.19 20.74
C ARG B 204 -49.77 -71.96 21.88
#